data_1ZNC
#
_entry.id   1ZNC
#
_cell.length_a   89.500
_cell.length_b   47.700
_cell.length_c   141.000
_cell.angle_alpha   90.00
_cell.angle_beta   106.30
_cell.angle_gamma   90.00
#
_symmetry.space_group_name_H-M   'C 1 2 1'
#
loop_
_entity.id
_entity.type
_entity.pdbx_description
1 polymer 'CARBONIC ANHYDRASE IV'
2 non-polymer 'SULFATE ION'
3 non-polymer 'ZINC ION'
4 water water
#
_entity_poly.entity_id   1
_entity_poly.type   'polypeptide(L)'
_entity_poly.pdbx_seq_one_letter_code
;AESHWCYEVQAESSNYPCLVPVKWGGNCQKDRQSPINIVTTKAKVDKKLGRFFFSGYDKKQTWTVQNNGHSVMMLLENKA
SISGGGLPAPYQAKQLHLHWSDLPYKGSEHSLDGEHFAMEMHIVHEKEKGTSRNVKEAQDPEDEIAVLAFLVEAGTQVNE
GFQPLVEALSNIPKPEMSTTMAESSLLDLLPKEEKLRHYFRYLGSLTTPTCDEKVVWTVFREPIQLHREQILAFSQKLYY
DKEQTVSMKDNVRPLQQLGQRTVIKS
;
_entity_poly.pdbx_strand_id   A,B
#
loop_
_chem_comp.id
_chem_comp.type
_chem_comp.name
_chem_comp.formula
SO4 non-polymer 'SULFATE ION' 'O4 S -2'
ZN non-polymer 'ZINC ION' 'Zn 2'
#
# COMPACT_ATOMS: atom_id res chain seq x y z
N TRP A 5 11.66 13.08 -17.28
CA TRP A 5 10.61 12.46 -16.45
C TRP A 5 10.91 12.79 -14.99
N CYS A 6 9.88 12.73 -14.14
CA CYS A 6 10.03 13.07 -12.73
C CYS A 6 9.23 12.22 -11.77
N TYR A 7 9.56 12.37 -10.50
CA TYR A 7 8.85 11.73 -9.42
C TYR A 7 7.91 12.86 -8.97
N GLU A 8 6.74 12.52 -8.45
CA GLU A 8 5.76 13.53 -8.02
C GLU A 8 6.36 14.67 -7.19
N VAL A 9 7.05 14.32 -6.12
CA VAL A 9 7.63 15.32 -5.24
C VAL A 9 8.41 16.42 -5.99
N GLN A 10 9.29 16.02 -6.90
CA GLN A 10 10.10 16.99 -7.63
C GLN A 10 9.35 17.74 -8.71
N ALA A 11 8.27 17.16 -9.21
CA ALA A 11 7.49 17.82 -10.25
C ALA A 11 6.83 19.07 -9.68
N GLU A 12 6.38 18.96 -8.44
CA GLU A 12 5.73 20.07 -7.76
C GLU A 12 6.64 21.28 -7.55
N SER A 13 7.90 21.02 -7.22
CA SER A 13 8.87 22.09 -6.96
C SER A 13 9.88 22.40 -8.06
N SER A 14 9.76 21.72 -9.19
CA SER A 14 10.66 21.95 -10.32
C SER A 14 10.33 23.27 -11.00
N ASN A 15 11.29 23.82 -11.73
CA ASN A 15 11.09 25.08 -12.43
C ASN A 15 10.86 24.88 -13.93
N TYR A 16 10.66 23.62 -14.33
CA TYR A 16 10.40 23.29 -15.72
C TYR A 16 9.54 22.04 -15.85
N PRO A 17 8.83 21.89 -16.99
CA PRO A 17 7.95 20.75 -17.24
C PRO A 17 8.63 19.41 -17.13
N CYS A 18 7.86 18.38 -16.77
CA CYS A 18 8.35 17.02 -16.63
C CYS A 18 7.19 16.05 -16.39
N LEU A 19 7.30 14.87 -16.97
CA LEU A 19 6.29 13.82 -16.84
C LEU A 19 6.34 13.18 -15.47
N VAL A 20 5.18 13.10 -14.82
CA VAL A 20 5.09 12.48 -13.51
C VAL A 20 4.81 11.00 -13.75
N PRO A 21 4.99 10.15 -12.73
CA PRO A 21 4.78 8.71 -12.87
C PRO A 21 3.55 8.28 -13.67
N VAL A 22 2.38 8.82 -13.36
CA VAL A 22 1.17 8.41 -14.08
C VAL A 22 1.18 8.81 -15.54
N LYS A 23 2.03 9.76 -15.89
CA LYS A 23 2.10 10.22 -17.28
C LYS A 23 3.39 9.80 -17.97
N TRP A 24 4.07 8.80 -17.42
CA TRP A 24 5.31 8.34 -18.04
C TRP A 24 5.00 7.64 -19.35
N GLY A 25 5.97 7.64 -20.25
CA GLY A 25 5.76 7.00 -21.53
C GLY A 25 6.19 5.55 -21.53
N GLY A 26 6.93 5.18 -22.56
CA GLY A 26 7.45 3.82 -22.69
C GLY A 26 6.47 2.73 -22.35
N ASN A 27 6.99 1.63 -21.81
CA ASN A 27 6.17 0.49 -21.42
C ASN A 27 5.70 0.66 -19.98
N CYS A 28 5.82 1.87 -19.45
CA CYS A 28 5.43 2.16 -18.09
C CYS A 28 3.94 1.97 -17.85
N GLN A 29 3.16 1.92 -18.93
CA GLN A 29 1.71 1.75 -18.80
C GLN A 29 1.25 0.31 -19.09
N LYS A 30 2.17 -0.64 -19.13
CA LYS A 30 1.81 -2.03 -19.43
C LYS A 30 1.27 -2.86 -18.26
N ASP A 31 1.29 -4.19 -18.39
CA ASP A 31 0.72 -5.07 -17.38
C ASP A 31 1.63 -5.84 -16.42
N ARG A 32 2.93 -5.80 -16.65
CA ARG A 32 3.88 -6.51 -15.80
C ARG A 32 4.89 -5.53 -15.18
N GLN A 33 4.37 -4.59 -14.40
CA GLN A 33 5.19 -3.54 -13.80
C GLN A 33 5.62 -3.78 -12.36
N SER A 34 6.61 -2.99 -11.94
CA SER A 34 7.15 -3.03 -10.58
C SER A 34 7.24 -1.57 -10.16
N PRO A 35 7.20 -1.26 -8.85
CA PRO A 35 7.11 -2.18 -7.71
C PRO A 35 5.68 -2.65 -7.45
N ILE A 36 5.56 -3.65 -6.59
CA ILE A 36 4.27 -4.23 -6.21
C ILE A 36 4.30 -4.43 -4.70
N ASN A 37 3.15 -4.75 -4.11
CA ASN A 37 3.05 -5.03 -2.67
C ASN A 37 3.11 -6.55 -2.59
N ILE A 38 3.93 -7.07 -1.69
CA ILE A 38 4.04 -8.51 -1.57
C ILE A 38 3.27 -9.00 -0.35
N VAL A 39 2.24 -9.81 -0.60
CA VAL A 39 1.47 -10.39 0.48
C VAL A 39 2.25 -11.66 0.81
N THR A 40 3.11 -11.56 1.81
CA THR A 40 3.95 -12.67 2.21
C THR A 40 3.24 -14.03 2.30
N THR A 41 2.03 -14.04 2.85
CA THR A 41 1.29 -15.29 3.01
C THR A 41 0.70 -15.90 1.75
N LYS A 42 0.56 -15.13 0.68
CA LYS A 42 0.02 -15.65 -0.56
C LYS A 42 1.10 -16.17 -1.50
N ALA A 43 2.35 -15.89 -1.17
CA ALA A 43 3.46 -16.34 -2.01
C ALA A 43 3.70 -17.83 -1.80
N LYS A 44 3.68 -18.58 -2.89
CA LYS A 44 3.90 -20.02 -2.83
C LYS A 44 5.37 -20.34 -2.57
N VAL A 45 5.62 -21.42 -1.82
CA VAL A 45 6.98 -21.85 -1.52
C VAL A 45 7.52 -22.69 -2.68
N ASP A 46 8.79 -22.53 -3.03
CA ASP A 46 9.39 -23.27 -4.13
C ASP A 46 10.79 -23.75 -3.77
N LYS A 47 11.01 -25.05 -3.80
CA LYS A 47 12.32 -25.63 -3.46
C LYS A 47 13.44 -25.31 -4.46
N LYS A 48 13.09 -25.08 -5.71
CA LYS A 48 14.07 -24.76 -6.74
C LYS A 48 14.81 -23.45 -6.45
N LEU A 49 14.29 -22.68 -5.51
CA LEU A 49 14.90 -21.42 -5.15
C LEU A 49 16.02 -21.60 -4.14
N GLY A 50 17.16 -22.07 -4.61
CA GLY A 50 18.28 -22.28 -3.72
C GLY A 50 18.96 -20.99 -3.34
N ARG A 51 20.09 -21.09 -2.64
CA ARG A 51 20.85 -19.92 -2.22
C ARG A 51 21.62 -19.33 -3.39
N PHE A 52 22.06 -18.08 -3.22
CA PHE A 52 22.82 -17.40 -4.25
C PHE A 52 24.31 -17.58 -4.05
N PHE A 53 25.04 -17.35 -5.12
CA PHE A 53 26.50 -17.45 -5.09
C PHE A 53 27.08 -16.16 -5.63
N PHE A 54 27.94 -15.55 -4.84
CA PHE A 54 28.54 -14.29 -5.19
C PHE A 54 30.00 -14.42 -5.55
N SER A 55 30.42 -13.70 -6.58
CA SER A 55 31.80 -13.69 -7.01
C SER A 55 32.25 -12.23 -7.12
N GLY A 56 33.34 -11.90 -6.43
CA GLY A 56 33.84 -10.54 -6.47
C GLY A 56 33.20 -9.62 -5.46
N TYR A 57 32.13 -10.05 -4.83
CA TYR A 57 31.46 -9.23 -3.83
C TYR A 57 32.32 -8.90 -2.61
N ASP A 58 33.38 -9.67 -2.40
CA ASP A 58 34.23 -9.49 -1.24
C ASP A 58 35.54 -8.73 -1.36
N LYS A 59 35.92 -8.35 -2.57
CA LYS A 59 37.19 -7.64 -2.72
C LYS A 59 37.10 -6.13 -2.61
N LYS A 60 37.83 -5.58 -1.63
CA LYS A 60 37.87 -4.14 -1.40
C LYS A 60 38.23 -3.50 -2.73
N GLN A 61 37.73 -2.30 -2.98
CA GLN A 61 37.99 -1.68 -4.26
C GLN A 61 37.40 -0.29 -4.27
N THR A 62 37.95 0.58 -5.10
CA THR A 62 37.40 1.93 -5.19
C THR A 62 36.32 1.88 -6.25
N TRP A 63 35.24 2.62 -6.03
CA TRP A 63 34.14 2.64 -6.96
C TRP A 63 33.85 4.06 -7.41
N THR A 64 33.30 4.20 -8.61
CA THR A 64 32.91 5.50 -9.10
C THR A 64 31.44 5.60 -8.73
N VAL A 65 31.09 6.63 -7.99
CA VAL A 65 29.70 6.85 -7.59
C VAL A 65 29.29 8.20 -8.18
N GLN A 66 28.05 8.32 -8.60
CA GLN A 66 27.58 9.56 -9.18
C GLN A 66 26.12 9.90 -8.89
N ASN A 67 25.81 11.18 -9.03
CA ASN A 67 24.48 11.71 -8.81
C ASN A 67 23.88 11.93 -10.20
N ASN A 68 23.02 11.03 -10.65
CA ASN A 68 22.43 11.19 -11.98
C ASN A 68 21.19 12.07 -12.01
N GLY A 69 20.95 12.79 -10.93
CA GLY A 69 19.79 13.66 -10.87
C GLY A 69 18.50 12.96 -10.47
N HIS A 70 18.55 11.63 -10.36
CA HIS A 70 17.40 10.82 -9.99
C HIS A 70 17.71 9.96 -8.76
N SER A 71 18.99 9.75 -8.52
CA SER A 71 19.42 8.91 -7.41
C SER A 71 20.94 8.91 -7.31
N VAL A 72 21.46 8.26 -6.28
CA VAL A 72 22.90 8.11 -6.11
C VAL A 72 23.17 6.72 -6.68
N MET A 73 24.08 6.63 -7.64
CA MET A 73 24.39 5.36 -8.27
C MET A 73 25.89 5.10 -8.39
N MET A 74 26.32 3.90 -8.06
CA MET A 74 27.72 3.57 -8.17
C MET A 74 27.84 2.52 -9.25
N LEU A 75 28.82 2.72 -10.15
CA LEU A 75 29.04 1.82 -11.27
C LEU A 75 29.82 0.59 -10.84
N LEU A 76 29.32 -0.58 -11.23
CA LEU A 76 29.96 -1.83 -10.85
C LEU A 76 30.83 -2.45 -11.93
N GLU A 77 30.70 -1.93 -13.16
CA GLU A 77 31.50 -2.35 -14.31
C GLU A 77 31.79 -3.84 -14.54
N ASN A 78 30.80 -4.70 -14.36
CA ASN A 78 30.98 -6.12 -14.58
C ASN A 78 32.06 -6.74 -13.68
N LYS A 79 32.46 -6.03 -12.64
CA LYS A 79 33.49 -6.52 -11.74
C LYS A 79 33.03 -7.47 -10.62
N ALA A 80 31.87 -8.11 -10.81
CA ALA A 80 31.31 -9.05 -9.84
C ALA A 80 30.10 -9.73 -10.49
N SER A 81 29.73 -10.90 -9.98
CA SER A 81 28.58 -11.62 -10.53
C SER A 81 27.89 -12.55 -9.53
N ILE A 82 26.71 -13.05 -9.92
CA ILE A 82 25.92 -13.94 -9.07
C ILE A 82 25.40 -15.13 -9.85
N SER A 83 25.01 -16.16 -9.11
CA SER A 83 24.44 -17.37 -9.68
C SER A 83 23.60 -18.06 -8.61
N GLY A 84 22.88 -19.10 -8.98
CA GLY A 84 22.05 -19.79 -8.02
C GLY A 84 20.77 -19.02 -7.83
N GLY A 85 20.19 -19.12 -6.64
CA GLY A 85 18.94 -18.42 -6.38
C GLY A 85 17.90 -18.66 -7.45
N GLY A 86 17.90 -19.85 -8.06
CA GLY A 86 16.92 -20.15 -9.08
C GLY A 86 17.20 -19.52 -10.44
N LEU A 87 18.24 -18.71 -10.51
CA LEU A 87 18.60 -18.05 -11.76
C LEU A 87 19.08 -19.07 -12.78
N PRO A 88 18.54 -19.00 -14.00
CA PRO A 88 18.91 -19.90 -15.10
C PRO A 88 20.34 -19.80 -15.59
N ALA A 89 21.05 -18.73 -15.19
CA ALA A 89 22.43 -18.52 -15.63
C ALA A 89 23.08 -17.39 -14.83
N PRO A 90 24.40 -17.23 -14.95
CA PRO A 90 25.12 -16.18 -14.23
C PRO A 90 24.74 -14.79 -14.74
N TYR A 91 24.79 -13.80 -13.85
CA TYR A 91 24.46 -12.43 -14.22
C TYR A 91 25.58 -11.57 -13.66
N GLN A 92 26.09 -10.63 -14.46
CA GLN A 92 27.15 -9.75 -14.00
C GLN A 92 26.66 -8.36 -13.57
N ALA A 93 27.18 -7.89 -12.45
CA ALA A 93 26.81 -6.61 -11.87
C ALA A 93 27.15 -5.40 -12.73
N LYS A 94 26.14 -4.58 -13.02
CA LYS A 94 26.32 -3.39 -13.83
C LYS A 94 26.37 -2.17 -12.94
N GLN A 95 25.32 -1.95 -12.15
CA GLN A 95 25.26 -0.79 -11.27
C GLN A 95 24.43 -1.03 -10.01
N LEU A 96 24.46 -0.05 -9.12
CA LEU A 96 23.74 -0.09 -7.85
C LEU A 96 23.28 1.32 -7.54
N HIS A 97 22.13 1.45 -6.91
CA HIS A 97 21.59 2.75 -6.53
C HIS A 97 20.51 2.58 -5.49
N LEU A 98 20.06 3.68 -4.93
CA LEU A 98 19.05 3.61 -3.90
C LEU A 98 17.85 4.52 -4.09
N HIS A 99 16.81 4.23 -3.32
CA HIS A 99 15.57 5.00 -3.32
C HIS A 99 15.32 5.22 -1.84
N TRP A 100 14.97 6.45 -1.46
CA TRP A 100 14.76 6.78 -0.05
C TRP A 100 13.82 7.96 0.17
N SER A 101 13.68 8.33 1.44
CA SER A 101 12.85 9.45 1.89
C SER A 101 13.29 9.77 3.31
N ASP A 102 12.80 10.89 3.85
CA ASP A 102 13.15 11.28 5.22
C ASP A 102 12.22 10.72 6.29
N LEU A 103 11.11 10.13 5.85
CA LEU A 103 10.15 9.53 6.76
C LEU A 103 10.34 8.00 6.70
N PRO A 104 10.55 7.37 7.86
CA PRO A 104 10.77 5.93 8.04
C PRO A 104 9.74 4.98 7.42
N TYR A 105 8.53 5.47 7.18
CA TYR A 105 7.49 4.62 6.63
C TYR A 105 7.18 4.83 5.14
N LYS A 106 8.02 5.57 4.42
CA LYS A 106 7.73 5.79 3.01
C LYS A 106 8.93 5.91 2.06
N GLY A 107 9.99 5.16 2.33
CA GLY A 107 11.16 5.24 1.49
C GLY A 107 11.42 4.10 0.52
N SER A 108 10.68 3.00 0.62
CA SER A 108 10.92 1.88 -0.29
C SER A 108 9.88 1.79 -1.40
N GLU A 109 10.26 1.19 -2.52
CA GLU A 109 9.32 1.02 -3.61
C GLU A 109 8.38 -0.15 -3.36
N HIS A 110 8.95 -1.32 -3.04
CA HIS A 110 8.14 -2.49 -2.75
C HIS A 110 7.72 -2.40 -1.30
N SER A 111 6.68 -3.15 -0.94
CA SER A 111 6.18 -3.20 0.43
C SER A 111 5.86 -4.64 0.77
N LEU A 112 5.93 -4.98 2.05
CA LEU A 112 5.64 -6.34 2.50
C LEU A 112 4.42 -6.23 3.41
N ASP A 113 3.31 -6.80 2.94
CA ASP A 113 2.06 -6.76 3.69
C ASP A 113 1.71 -5.32 4.00
N GLY A 114 1.89 -4.46 3.02
CA GLY A 114 1.57 -3.06 3.17
C GLY A 114 2.57 -2.19 3.89
N GLU A 115 3.60 -2.77 4.48
CA GLU A 115 4.60 -1.96 5.17
C GLU A 115 5.69 -1.52 4.22
N HIS A 116 6.08 -0.25 4.32
CA HIS A 116 7.15 0.33 3.52
C HIS A 116 8.29 0.61 4.49
N PHE A 117 9.53 0.60 4.00
CA PHE A 117 10.68 0.85 4.87
C PHE A 117 11.41 2.17 4.56
N ALA A 118 12.49 2.44 5.30
CA ALA A 118 13.27 3.66 5.16
C ALA A 118 13.90 3.91 3.79
N MET A 119 14.45 2.87 3.18
CA MET A 119 15.10 2.96 1.86
C MET A 119 15.01 1.61 1.16
N GLU A 120 15.41 1.59 -0.11
CA GLU A 120 15.46 0.34 -0.87
C GLU A 120 16.69 0.41 -1.77
N MET A 121 17.41 -0.70 -1.87
CA MET A 121 18.62 -0.75 -2.66
C MET A 121 18.49 -1.72 -3.81
N HIS A 122 18.87 -1.26 -5.00
CA HIS A 122 18.79 -2.07 -6.20
C HIS A 122 20.15 -2.35 -6.81
N ILE A 123 20.49 -3.63 -6.92
CA ILE A 123 21.75 -4.04 -7.52
C ILE A 123 21.41 -4.69 -8.86
N VAL A 124 21.64 -3.97 -9.96
CA VAL A 124 21.29 -4.45 -11.29
C VAL A 124 22.34 -5.34 -11.96
N HIS A 125 21.91 -6.49 -12.48
CA HIS A 125 22.79 -7.42 -13.17
C HIS A 125 22.15 -7.80 -14.49
N GLU A 126 22.95 -8.28 -15.41
CA GLU A 126 22.47 -8.67 -16.72
C GLU A 126 22.96 -10.07 -17.04
N LYS A 127 22.16 -10.81 -17.79
CA LYS A 127 22.50 -12.18 -18.13
C LYS A 127 23.83 -12.26 -18.84
N GLU A 128 24.66 -13.18 -18.36
CA GLU A 128 26.03 -13.42 -18.86
C GLU A 128 26.24 -13.60 -20.36
N LYS A 129 25.67 -14.66 -20.91
CA LYS A 129 25.85 -14.96 -22.33
C LYS A 129 24.49 -14.82 -22.99
N GLY A 130 24.45 -14.97 -24.30
CA GLY A 130 23.18 -14.86 -25.00
C GLY A 130 22.64 -16.24 -25.35
N THR A 131 21.39 -16.51 -24.99
CA THR A 131 20.76 -17.79 -25.29
C THR A 131 19.75 -17.65 -26.43
N SER A 132 19.70 -18.66 -27.29
CA SER A 132 18.82 -18.68 -28.45
C SER A 132 17.32 -18.74 -28.15
N ARG A 133 16.58 -17.78 -28.72
CA ARG A 133 15.14 -17.66 -28.57
C ARG A 133 14.55 -17.53 -29.96
N ASN A 134 13.24 -17.74 -30.07
CA ASN A 134 12.54 -17.67 -31.35
C ASN A 134 12.06 -16.25 -31.63
N VAL A 135 11.99 -15.88 -32.91
CA VAL A 135 11.55 -14.55 -33.33
C VAL A 135 10.13 -14.28 -32.85
N LYS A 136 9.28 -15.29 -32.93
CA LYS A 136 7.88 -15.19 -32.52
C LYS A 136 7.64 -14.76 -31.08
N GLU A 137 8.61 -14.99 -30.20
CA GLU A 137 8.52 -14.61 -28.79
C GLU A 137 8.60 -13.09 -28.55
N ALA A 138 8.55 -12.69 -27.28
CA ALA A 138 8.63 -11.27 -26.92
C ALA A 138 10.03 -10.77 -27.25
N GLN A 139 10.12 -9.57 -27.81
CA GLN A 139 11.41 -8.96 -28.18
C GLN A 139 12.48 -9.16 -27.11
N ASP A 140 12.26 -8.64 -25.91
CA ASP A 140 13.23 -8.74 -24.84
C ASP A 140 12.93 -9.90 -23.91
N PRO A 141 13.96 -10.65 -23.51
CA PRO A 141 13.76 -11.78 -22.60
C PRO A 141 13.22 -11.26 -21.27
N GLU A 142 12.15 -11.87 -20.79
CA GLU A 142 11.54 -11.47 -19.53
C GLU A 142 12.47 -11.59 -18.34
N ASP A 143 13.54 -12.38 -18.45
CA ASP A 143 14.47 -12.48 -17.34
C ASP A 143 15.85 -11.95 -17.76
N GLU A 144 15.83 -10.98 -18.66
CA GLU A 144 17.05 -10.38 -19.17
C GLU A 144 17.92 -9.73 -18.07
N ILE A 145 17.30 -8.89 -17.25
CA ILE A 145 18.00 -8.20 -16.18
C ILE A 145 17.59 -8.79 -14.85
N ALA A 146 18.52 -8.92 -13.93
CA ALA A 146 18.24 -9.48 -12.60
C ALA A 146 18.66 -8.50 -11.52
N VAL A 147 17.70 -8.00 -10.76
CA VAL A 147 18.00 -7.05 -9.71
C VAL A 147 17.75 -7.64 -8.34
N LEU A 148 18.62 -7.28 -7.40
CA LEU A 148 18.51 -7.71 -6.02
C LEU A 148 18.08 -6.49 -5.23
N ALA A 149 16.99 -6.64 -4.48
CA ALA A 149 16.45 -5.53 -3.69
C ALA A 149 16.59 -5.79 -2.22
N PHE A 150 17.01 -4.76 -1.48
CA PHE A 150 17.18 -4.86 -0.05
C PHE A 150 16.40 -3.74 0.59
N LEU A 151 15.72 -4.04 1.68
CA LEU A 151 14.94 -3.03 2.37
C LEU A 151 15.80 -2.50 3.48
N VAL A 152 15.68 -1.22 3.77
CA VAL A 152 16.50 -0.60 4.80
C VAL A 152 15.65 0.02 5.88
N GLU A 153 16.10 -0.12 7.12
CA GLU A 153 15.39 0.44 8.25
C GLU A 153 16.39 0.95 9.28
N ALA A 154 15.95 1.89 10.10
CA ALA A 154 16.81 2.47 11.12
C ALA A 154 17.19 1.52 12.25
N GLY A 155 18.42 1.67 12.74
CA GLY A 155 18.92 0.85 13.81
C GLY A 155 19.68 1.71 14.80
N THR A 156 20.19 1.10 15.86
CA THR A 156 20.93 1.83 16.88
C THR A 156 22.40 2.00 16.52
N GLN A 157 23.02 0.91 16.07
CA GLN A 157 24.43 0.89 15.70
C GLN A 157 24.73 1.66 14.40
N VAL A 158 25.91 2.26 14.33
CA VAL A 158 26.31 2.96 13.12
C VAL A 158 26.83 1.86 12.21
N ASN A 159 26.30 1.80 10.99
CA ASN A 159 26.73 0.77 10.05
C ASN A 159 28.03 1.19 9.37
N GLU A 160 29.13 0.54 9.78
CA GLU A 160 30.45 0.83 9.24
C GLU A 160 30.60 0.50 7.75
N GLY A 161 29.89 -0.52 7.28
CA GLY A 161 29.98 -0.89 5.88
C GLY A 161 29.46 0.17 4.92
N PHE A 162 28.52 0.99 5.38
CA PHE A 162 27.96 2.02 4.55
C PHE A 162 28.69 3.36 4.66
N GLN A 163 29.51 3.50 5.69
CA GLN A 163 30.26 4.73 5.92
C GLN A 163 30.95 5.32 4.69
N PRO A 164 31.73 4.52 3.94
CA PRO A 164 32.39 5.05 2.75
C PRO A 164 31.44 5.72 1.76
N LEU A 165 30.29 5.10 1.52
CA LEU A 165 29.29 5.63 0.61
C LEU A 165 28.72 6.93 1.13
N VAL A 166 28.38 6.94 2.42
CA VAL A 166 27.81 8.10 3.07
C VAL A 166 28.76 9.30 2.95
N GLU A 167 30.06 9.05 3.13
CA GLU A 167 31.07 10.09 3.03
C GLU A 167 31.04 10.70 1.64
N ALA A 168 31.16 9.83 0.64
CA ALA A 168 31.18 10.23 -0.76
C ALA A 168 30.09 11.20 -1.19
N LEU A 169 28.95 11.18 -0.51
CA LEU A 169 27.82 12.05 -0.84
C LEU A 169 28.18 13.52 -0.84
N SER A 170 29.03 13.91 0.10
CA SER A 170 29.46 15.30 0.23
C SER A 170 30.03 15.84 -1.08
N ASN A 171 30.68 14.98 -1.86
CA ASN A 171 31.31 15.39 -3.11
C ASN A 171 30.41 15.42 -4.34
N ILE A 172 29.13 15.08 -4.21
CA ILE A 172 28.25 15.08 -5.37
C ILE A 172 26.83 15.60 -5.12
N PRO A 173 26.69 16.79 -4.50
CA PRO A 173 25.37 17.37 -4.21
C PRO A 173 24.49 17.59 -5.43
N LYS A 174 25.05 18.21 -6.47
CA LYS A 174 24.32 18.51 -7.70
C LYS A 174 24.36 17.39 -8.73
N PRO A 175 23.38 17.38 -9.65
CA PRO A 175 23.28 16.38 -10.71
C PRO A 175 24.51 16.42 -11.60
N GLU A 176 24.82 15.31 -12.23
CA GLU A 176 25.95 15.17 -13.12
C GLU A 176 27.31 15.08 -12.46
N MET A 177 27.37 15.28 -11.15
CA MET A 177 28.65 15.17 -10.46
C MET A 177 29.07 13.73 -10.21
N SER A 178 30.37 13.52 -9.99
CA SER A 178 30.93 12.19 -9.74
C SER A 178 32.09 12.24 -8.77
N THR A 179 32.52 11.08 -8.29
CA THR A 179 33.65 10.99 -7.39
C THR A 179 34.06 9.54 -7.21
N THR A 180 35.05 9.30 -6.36
CA THR A 180 35.54 7.96 -6.11
C THR A 180 35.43 7.75 -4.62
N MET A 181 34.64 6.76 -4.23
CA MET A 181 34.47 6.47 -2.81
C MET A 181 35.63 5.61 -2.34
N ALA A 182 35.88 5.64 -1.03
CA ALA A 182 36.97 4.86 -0.42
C ALA A 182 36.80 3.39 -0.76
N GLU A 183 37.92 2.65 -0.74
CA GLU A 183 37.92 1.23 -1.04
C GLU A 183 36.95 0.47 -0.12
N SER A 184 36.08 -0.32 -0.74
CA SER A 184 35.10 -1.11 -0.01
C SER A 184 34.71 -2.26 -0.91
N SER A 185 34.08 -3.27 -0.33
CA SER A 185 33.62 -4.41 -1.11
C SER A 185 32.11 -4.42 -1.04
N LEU A 186 31.45 -4.91 -2.09
CA LEU A 186 30.00 -4.97 -2.11
C LEU A 186 29.43 -5.73 -0.91
N LEU A 187 30.18 -6.71 -0.42
CA LEU A 187 29.76 -7.52 0.72
C LEU A 187 29.60 -6.67 1.98
N ASP A 188 30.30 -5.53 2.01
CA ASP A 188 30.22 -4.60 3.15
C ASP A 188 28.85 -3.98 3.30
N LEU A 189 28.08 -3.97 2.21
CA LEU A 189 26.76 -3.36 2.22
C LEU A 189 25.64 -4.30 2.65
N LEU A 190 25.65 -5.52 2.11
CA LEU A 190 24.62 -6.50 2.39
C LEU A 190 24.73 -7.11 3.79
N PRO A 191 23.65 -7.76 4.26
CA PRO A 191 23.65 -8.40 5.59
C PRO A 191 24.39 -9.74 5.49
N LYS A 192 24.71 -10.35 6.63
CA LYS A 192 25.44 -11.63 6.64
C LYS A 192 24.76 -12.70 5.79
N GLU A 193 25.54 -13.39 4.96
CA GLU A 193 25.03 -14.42 4.05
C GLU A 193 23.99 -15.37 4.61
N GLU A 194 24.02 -15.65 5.91
CA GLU A 194 23.04 -16.56 6.49
C GLU A 194 21.62 -15.98 6.52
N LYS A 195 21.51 -14.66 6.57
CA LYS A 195 20.21 -13.99 6.59
C LYS A 195 19.62 -13.85 5.20
N LEU A 196 20.45 -14.05 4.18
CA LEU A 196 20.03 -13.93 2.79
C LEU A 196 19.42 -15.21 2.23
N ARG A 197 18.95 -16.09 3.11
CA ARG A 197 18.37 -17.36 2.69
C ARG A 197 16.92 -17.27 2.22
N HIS A 198 16.14 -16.39 2.83
CA HIS A 198 14.74 -16.24 2.46
C HIS A 198 14.50 -15.03 1.59
N TYR A 199 13.76 -15.20 0.50
CA TYR A 199 13.47 -14.10 -0.40
C TYR A 199 12.27 -14.37 -1.31
N PHE A 200 11.73 -13.31 -1.90
CA PHE A 200 10.58 -13.42 -2.78
C PHE A 200 11.05 -13.23 -4.21
N ARG A 201 10.33 -13.84 -5.16
CA ARG A 201 10.71 -13.81 -6.56
C ARG A 201 9.49 -13.57 -7.44
N TYR A 202 9.66 -12.81 -8.51
CA TYR A 202 8.58 -12.53 -9.45
C TYR A 202 9.14 -11.74 -10.65
N LEU A 203 8.48 -11.87 -11.80
CA LEU A 203 8.92 -11.19 -13.01
C LEU A 203 8.25 -9.83 -13.08
N GLY A 204 9.01 -8.83 -13.55
CA GLY A 204 8.47 -7.48 -13.63
C GLY A 204 9.25 -6.55 -14.54
N SER A 205 9.20 -5.26 -14.24
CA SER A 205 9.88 -4.27 -15.04
C SER A 205 10.84 -3.44 -14.22
N LEU A 206 11.43 -2.43 -14.86
CA LEU A 206 12.35 -1.49 -14.22
C LEU A 206 11.41 -0.48 -13.59
N THR A 207 11.87 0.24 -12.57
CA THR A 207 11.02 1.21 -11.91
C THR A 207 11.28 2.65 -12.35
N THR A 208 11.72 2.81 -13.60
CA THR A 208 12.00 4.11 -14.20
C THR A 208 11.82 3.92 -15.71
N PRO A 209 11.59 5.01 -16.46
CA PRO A 209 11.42 4.87 -17.92
C PRO A 209 12.69 4.26 -18.51
N THR A 210 12.55 3.47 -19.57
CA THR A 210 11.25 3.18 -20.17
C THR A 210 10.46 2.02 -19.56
N CYS A 211 10.79 1.64 -18.32
CA CYS A 211 10.09 0.59 -17.58
C CYS A 211 9.99 -0.73 -18.32
N ASP A 212 11.08 -1.12 -18.97
CA ASP A 212 11.10 -2.36 -19.74
C ASP A 212 10.79 -3.58 -18.88
N GLU A 213 9.89 -4.43 -19.36
CA GLU A 213 9.48 -5.64 -18.66
C GLU A 213 10.37 -6.80 -18.99
N LYS A 214 11.59 -6.76 -18.50
CA LYS A 214 12.55 -7.83 -18.75
C LYS A 214 13.38 -8.03 -17.50
N VAL A 215 12.74 -7.95 -16.35
CA VAL A 215 13.44 -8.09 -15.08
C VAL A 215 12.93 -9.21 -14.22
N VAL A 216 13.85 -9.93 -13.60
CA VAL A 216 13.50 -11.01 -12.68
C VAL A 216 13.89 -10.43 -11.32
N TRP A 217 12.88 -10.07 -10.52
CA TRP A 217 13.11 -9.46 -9.21
C TRP A 217 13.36 -10.43 -8.08
N THR A 218 14.09 -9.95 -7.08
CA THR A 218 14.40 -10.73 -5.90
C THR A 218 14.44 -9.78 -4.71
N VAL A 219 13.52 -9.97 -3.79
CA VAL A 219 13.45 -9.13 -2.61
C VAL A 219 13.71 -9.97 -1.39
N PHE A 220 14.82 -9.69 -0.70
CA PHE A 220 15.16 -10.45 0.49
C PHE A 220 14.28 -9.99 1.64
N ARG A 221 13.93 -10.90 2.53
CA ARG A 221 13.07 -10.52 3.65
C ARG A 221 13.82 -9.81 4.78
N GLU A 222 15.12 -10.09 4.90
CA GLU A 222 15.92 -9.47 5.95
C GLU A 222 16.35 -8.06 5.59
N PRO A 223 15.86 -7.08 6.34
CA PRO A 223 16.20 -5.68 6.07
C PRO A 223 17.62 -5.35 6.52
N ILE A 224 18.28 -4.45 5.79
CA ILE A 224 19.61 -4.00 6.13
C ILE A 224 19.35 -2.91 7.17
N GLN A 225 20.24 -2.77 8.14
CA GLN A 225 20.07 -1.75 9.16
C GLN A 225 21.10 -0.63 9.06
N LEU A 226 20.65 0.60 9.21
CA LEU A 226 21.53 1.76 9.16
C LEU A 226 21.11 2.67 10.29
N HIS A 227 22.03 3.49 10.76
CA HIS A 227 21.72 4.42 11.82
C HIS A 227 20.82 5.49 11.18
N ARG A 228 19.90 6.04 11.95
CA ARG A 228 18.99 7.06 11.41
C ARG A 228 19.74 8.15 10.69
N GLU A 229 20.77 8.67 11.33
CA GLU A 229 21.59 9.73 10.76
C GLU A 229 22.16 9.36 9.40
N GLN A 230 22.54 8.10 9.23
CA GLN A 230 23.09 7.63 7.97
C GLN A 230 22.02 7.75 6.88
N ILE A 231 20.79 7.38 7.22
CA ILE A 231 19.69 7.46 6.27
C ILE A 231 19.44 8.93 5.90
N LEU A 232 19.35 9.80 6.91
CA LEU A 232 19.10 11.21 6.67
C LEU A 232 20.20 11.88 5.86
N ALA A 233 21.39 11.31 5.88
CA ALA A 233 22.51 11.86 5.12
C ALA A 233 22.15 12.05 3.66
N PHE A 234 21.43 11.08 3.11
CA PHE A 234 21.02 11.11 1.72
C PHE A 234 20.12 12.27 1.37
N SER A 235 19.15 12.53 2.23
CA SER A 235 18.21 13.61 2.03
C SER A 235 18.86 14.95 2.31
N GLN A 236 19.84 14.96 3.21
CA GLN A 236 20.53 16.18 3.60
C GLN A 236 21.68 16.65 2.72
N LYS A 237 22.30 15.75 1.97
CA LYS A 237 23.42 16.15 1.14
C LYS A 237 23.16 16.13 -0.35
N LEU A 238 22.07 15.49 -0.78
CA LEU A 238 21.76 15.40 -2.20
C LEU A 238 20.62 16.33 -2.61
N TYR A 239 20.69 16.85 -3.84
CA TYR A 239 19.67 17.75 -4.35
C TYR A 239 19.27 17.32 -5.76
N TYR A 240 18.05 17.66 -6.16
CA TYR A 240 17.53 17.32 -7.48
C TYR A 240 17.96 18.35 -8.52
N ASP A 241 18.08 19.58 -8.07
CA ASP A 241 18.42 20.69 -8.94
C ASP A 241 19.85 21.19 -8.75
N LYS A 242 20.36 21.88 -9.76
CA LYS A 242 21.70 22.45 -9.70
C LYS A 242 21.74 23.64 -8.73
N GLU A 243 20.62 24.36 -8.63
CA GLU A 243 20.53 25.52 -7.74
C GLU A 243 20.60 25.14 -6.28
N GLN A 244 20.63 23.83 -5.99
CA GLN A 244 20.68 23.31 -4.63
C GLN A 244 19.55 23.80 -3.75
N THR A 245 18.33 23.77 -4.28
CA THR A 245 17.16 24.22 -3.52
C THR A 245 16.18 23.09 -3.16
N VAL A 246 16.21 21.99 -3.91
CA VAL A 246 15.31 20.88 -3.66
C VAL A 246 16.06 19.60 -3.27
N SER A 247 15.86 19.14 -2.05
CA SER A 247 16.50 17.93 -1.56
C SER A 247 16.04 16.69 -2.32
N MET A 248 16.95 15.73 -2.46
CA MET A 248 16.61 14.51 -3.17
C MET A 248 16.05 13.50 -2.19
N LYS A 249 14.75 13.27 -2.30
CA LYS A 249 14.07 12.30 -1.47
C LYS A 249 12.77 11.92 -2.13
N ASP A 250 12.15 10.84 -1.64
CA ASP A 250 10.91 10.36 -2.19
C ASP A 250 11.04 10.05 -3.67
N ASN A 251 12.19 9.53 -4.04
CA ASN A 251 12.42 9.16 -5.41
C ASN A 251 11.95 7.71 -5.56
N VAL A 252 10.65 7.49 -5.34
CA VAL A 252 10.05 6.15 -5.42
C VAL A 252 8.86 6.12 -6.39
N ARG A 253 8.69 5.00 -7.08
CA ARG A 253 7.59 4.85 -8.03
C ARG A 253 6.38 4.29 -7.30
N PRO A 254 5.20 4.87 -7.51
CA PRO A 254 4.00 4.35 -6.85
C PRO A 254 3.74 2.90 -7.24
N LEU A 255 3.22 2.13 -6.30
CA LEU A 255 2.93 0.72 -6.51
C LEU A 255 2.15 0.45 -7.79
N GLN A 256 2.32 -0.76 -8.31
CA GLN A 256 1.65 -1.18 -9.52
C GLN A 256 0.86 -2.42 -9.17
N GLN A 257 -0.09 -2.80 -10.02
CA GLN A 257 -0.93 -3.97 -9.78
C GLN A 257 -0.25 -5.28 -10.16
N LEU A 258 -0.43 -6.31 -9.33
CA LEU A 258 0.16 -7.61 -9.57
C LEU A 258 -0.44 -8.23 -10.84
N GLY A 259 -1.77 -8.19 -10.94
CA GLY A 259 -2.44 -8.74 -12.09
C GLY A 259 -2.47 -10.26 -12.12
N GLN A 260 -2.24 -10.83 -13.30
CA GLN A 260 -2.24 -12.27 -13.49
C GLN A 260 -1.05 -12.98 -12.84
N ARG A 261 -0.04 -12.21 -12.45
CA ARG A 261 1.17 -12.76 -11.85
C ARG A 261 1.03 -13.32 -10.45
N THR A 262 1.92 -14.25 -10.10
CA THR A 262 1.96 -14.84 -8.77
C THR A 262 3.39 -14.71 -8.27
N VAL A 263 3.55 -14.68 -6.95
CA VAL A 263 4.87 -14.54 -6.36
C VAL A 263 5.23 -15.82 -5.64
N ILE A 264 6.51 -16.19 -5.69
CA ILE A 264 6.98 -17.39 -4.99
C ILE A 264 8.11 -17.00 -4.04
N LYS A 265 8.46 -17.87 -3.11
CA LYS A 265 9.49 -17.56 -2.13
C LYS A 265 10.33 -18.77 -1.77
N SER A 266 11.36 -18.55 -0.96
CA SER A 266 12.25 -19.63 -0.51
C SER A 266 12.07 -19.89 1.00
N TRP B 5 -16.16 19.89 4.58
CA TRP B 5 -14.93 19.06 4.40
C TRP B 5 -15.16 18.14 3.20
N CYS B 6 -14.08 17.66 2.58
CA CYS B 6 -14.17 16.83 1.39
C CYS B 6 -13.15 15.72 1.30
N TYR B 7 -13.41 14.82 0.37
CA TYR B 7 -12.51 13.72 0.07
C TYR B 7 -11.76 14.29 -1.15
N GLU B 8 -10.51 13.91 -1.34
CA GLU B 8 -9.69 14.42 -2.45
C GLU B 8 -10.42 14.46 -3.80
N VAL B 9 -10.94 13.30 -4.22
CA VAL B 9 -11.65 13.20 -5.49
C VAL B 9 -12.66 14.32 -5.73
N GLN B 10 -13.53 14.58 -4.77
CA GLN B 10 -14.56 15.60 -4.92
C GLN B 10 -14.04 17.03 -4.80
N ALA B 11 -12.92 17.22 -4.13
CA ALA B 11 -12.36 18.56 -3.96
C ALA B 11 -11.88 19.06 -5.32
N GLU B 12 -11.32 18.16 -6.12
CA GLU B 12 -10.82 18.50 -7.44
C GLU B 12 -11.91 18.95 -8.39
N SER B 13 -13.08 18.32 -8.33
CA SER B 13 -14.19 18.66 -9.22
C SER B 13 -15.32 19.50 -8.63
N SER B 14 -15.19 19.91 -7.37
CA SER B 14 -16.20 20.72 -6.70
C SER B 14 -16.17 22.14 -7.27
N ASN B 15 -17.27 22.86 -7.11
CA ASN B 15 -17.35 24.24 -7.57
C ASN B 15 -17.21 25.25 -6.43
N TYR B 16 -16.82 24.76 -5.26
CA TYR B 16 -16.62 25.62 -4.09
C TYR B 16 -15.55 25.06 -3.15
N PRO B 17 -14.92 25.92 -2.34
CA PRO B 17 -13.87 25.52 -1.41
C PRO B 17 -14.29 24.43 -0.43
N CYS B 18 -13.31 23.66 0.03
CA CYS B 18 -13.55 22.59 0.98
C CYS B 18 -12.22 21.98 1.43
N LEU B 19 -12.16 21.61 2.71
CA LEU B 19 -10.97 21.01 3.30
C LEU B 19 -10.79 19.58 2.85
N VAL B 20 -9.60 19.25 2.38
CA VAL B 20 -9.29 17.90 1.96
C VAL B 20 -8.78 17.16 3.20
N PRO B 21 -8.71 15.81 3.15
CA PRO B 21 -8.25 15.01 4.28
C PRO B 21 -7.04 15.55 5.05
N VAL B 22 -5.95 15.87 4.36
CA VAL B 22 -4.75 16.37 5.04
C VAL B 22 -4.95 17.70 5.73
N LYS B 23 -5.99 18.43 5.32
CA LYS B 23 -6.27 19.73 5.91
C LYS B 23 -7.51 19.73 6.78
N TRP B 24 -7.95 18.55 7.22
CA TRP B 24 -9.13 18.48 8.06
C TRP B 24 -8.80 19.05 9.44
N GLY B 25 -9.82 19.56 10.12
CA GLY B 25 -9.60 20.12 11.44
C GLY B 25 -9.77 19.08 12.53
N GLY B 26 -10.52 19.46 13.57
CA GLY B 26 -10.78 18.58 14.69
C GLY B 26 -9.58 17.79 15.19
N ASN B 27 -9.86 16.59 15.67
CA ASN B 27 -8.82 15.71 16.20
C ASN B 27 -8.27 14.85 15.07
N CYS B 28 -8.58 15.23 13.83
CA CYS B 28 -8.13 14.48 12.66
C CYS B 28 -6.62 14.45 12.52
N GLN B 29 -5.93 15.34 13.22
CA GLN B 29 -4.48 15.41 13.15
C GLN B 29 -3.79 14.76 14.36
N LYS B 30 -4.53 14.00 15.16
CA LYS B 30 -3.94 13.38 16.34
C LYS B 30 -3.15 12.08 16.14
N ASP B 31 -2.95 11.31 17.22
CA ASP B 31 -2.14 10.08 17.12
C ASP B 31 -2.81 8.70 17.13
N ARG B 32 -4.13 8.66 17.35
CA ARG B 32 -4.85 7.39 17.37
C ARG B 32 -5.97 7.42 16.32
N GLN B 33 -5.58 7.56 15.06
CA GLN B 33 -6.53 7.65 13.97
C GLN B 33 -6.79 6.36 13.20
N SER B 34 -7.86 6.39 12.41
CA SER B 34 -8.25 5.27 11.58
C SER B 34 -8.59 5.89 10.22
N PRO B 35 -8.51 5.10 9.13
CA PRO B 35 -8.16 3.70 9.02
C PRO B 35 -6.66 3.46 9.09
N ILE B 36 -6.28 2.19 9.21
CA ILE B 36 -4.89 1.78 9.29
C ILE B 36 -4.75 0.53 8.42
N ASN B 37 -3.53 0.09 8.18
CA ASN B 37 -3.27 -1.12 7.42
C ASN B 37 -3.06 -2.19 8.48
N ILE B 38 -3.67 -3.34 8.32
CA ILE B 38 -3.51 -4.40 9.30
C ILE B 38 -2.57 -5.46 8.80
N VAL B 39 -1.44 -5.61 9.47
CA VAL B 39 -0.49 -6.66 9.11
C VAL B 39 -0.99 -7.88 9.89
N THR B 40 -1.77 -8.69 9.23
CA THR B 40 -2.36 -9.87 9.83
C THR B 40 -1.41 -10.68 10.70
N THR B 41 -0.18 -10.88 10.23
CA THR B 41 0.79 -11.67 10.99
C THR B 41 1.37 -11.04 12.26
N LYS B 42 1.28 -9.73 12.40
CA LYS B 42 1.81 -9.07 13.57
C LYS B 42 0.77 -8.90 14.68
N ALA B 43 -0.48 -9.18 14.35
CA ALA B 43 -1.56 -9.06 15.33
C ALA B 43 -1.52 -10.23 16.29
N LYS B 44 -1.44 -9.92 17.58
CA LYS B 44 -1.39 -10.94 18.63
C LYS B 44 -2.75 -11.61 18.82
N VAL B 45 -2.74 -12.91 19.09
CA VAL B 45 -3.97 -13.67 19.32
C VAL B 45 -4.44 -13.46 20.78
N ASP B 46 -5.74 -13.31 20.98
CA ASP B 46 -6.29 -13.10 22.33
C ASP B 46 -7.57 -13.93 22.54
N LYS B 47 -7.55 -14.81 23.55
CA LYS B 47 -8.69 -15.67 23.85
C LYS B 47 -9.93 -14.92 24.36
N LYS B 48 -9.73 -13.78 25.02
CA LYS B 48 -10.83 -12.99 25.56
C LYS B 48 -11.77 -12.48 24.44
N LEU B 49 -11.32 -12.58 23.20
CA LEU B 49 -12.13 -12.12 22.08
C LEU B 49 -13.09 -13.21 21.62
N GLY B 50 -14.17 -13.38 22.38
CA GLY B 50 -15.16 -14.37 22.02
C GLY B 50 -16.04 -13.91 20.88
N ARG B 51 -17.05 -14.71 20.58
CA ARG B 51 -17.98 -14.38 19.50
C ARG B 51 -18.93 -13.28 19.91
N PHE B 52 -19.58 -12.68 18.92
CA PHE B 52 -20.53 -11.61 19.16
C PHE B 52 -21.94 -12.14 19.28
N PHE B 53 -22.79 -11.33 19.88
CA PHE B 53 -24.18 -11.69 20.04
C PHE B 53 -25.03 -10.55 19.51
N PHE B 54 -25.92 -10.90 18.58
CA PHE B 54 -26.77 -9.92 17.95
C PHE B 54 -28.22 -10.01 18.41
N SER B 55 -28.84 -8.84 18.59
CA SER B 55 -30.23 -8.78 18.99
C SER B 55 -30.94 -7.83 18.03
N GLY B 56 -32.01 -8.31 17.42
CA GLY B 56 -32.74 -7.48 16.48
C GLY B 56 -32.21 -7.51 15.07
N TYR B 57 -31.02 -8.08 14.87
CA TYR B 57 -30.43 -8.15 13.54
C TYR B 57 -31.22 -8.99 12.56
N ASP B 58 -32.11 -9.84 13.07
CA ASP B 58 -32.88 -10.73 12.21
C ASP B 58 -34.32 -10.38 11.84
N LYS B 59 -34.87 -9.32 12.42
CA LYS B 59 -36.25 -8.98 12.09
C LYS B 59 -36.42 -8.07 10.89
N LYS B 60 -37.15 -8.56 9.88
CA LYS B 60 -37.43 -7.79 8.67
C LYS B 60 -38.00 -6.46 9.13
N GLN B 61 -37.75 -5.40 8.38
CA GLN B 61 -38.22 -4.10 8.79
C GLN B 61 -37.90 -3.09 7.74
N THR B 62 -38.66 -2.00 7.68
CA THR B 62 -38.39 -0.95 6.70
C THR B 62 -37.40 -0.01 7.37
N TRP B 63 -36.45 0.49 6.59
CA TRP B 63 -35.45 1.39 7.12
C TRP B 63 -35.46 2.71 6.35
N THR B 64 -35.07 3.79 7.02
CA THR B 64 -34.97 5.08 6.35
C THR B 64 -33.50 5.12 5.92
N VAL B 65 -33.28 5.30 4.62
CA VAL B 65 -31.92 5.40 4.09
C VAL B 65 -31.81 6.78 3.47
N GLN B 66 -30.64 7.41 3.57
CA GLN B 66 -30.45 8.73 3.01
C GLN B 66 -29.06 9.00 2.43
N ASN B 67 -29.00 10.01 1.57
CA ASN B 67 -27.76 10.42 0.92
C ASN B 67 -27.35 11.68 1.65
N ASN B 68 -26.36 11.59 2.54
CA ASN B 68 -25.95 12.79 3.28
C ASN B 68 -24.89 13.60 2.56
N GLY B 69 -24.70 13.31 1.26
CA GLY B 69 -23.71 14.04 0.48
C GLY B 69 -22.29 13.52 0.63
N HIS B 70 -22.08 12.58 1.55
CA HIS B 70 -20.77 12.00 1.79
C HIS B 70 -20.83 10.48 1.63
N SER B 71 -22.03 9.93 1.72
CA SER B 71 -22.21 8.49 1.63
C SER B 71 -23.69 8.15 1.70
N VAL B 72 -23.99 6.87 1.52
CA VAL B 72 -25.36 6.37 1.62
C VAL B 72 -25.43 5.83 3.06
N MET B 73 -26.38 6.32 3.84
CA MET B 73 -26.51 5.90 5.23
C MET B 73 -27.94 5.54 5.61
N MET B 74 -28.11 4.43 6.30
CA MET B 74 -29.44 4.04 6.73
C MET B 74 -29.46 4.14 8.24
N LEU B 75 -30.52 4.76 8.78
CA LEU B 75 -30.66 4.97 10.22
C LEU B 75 -31.16 3.70 10.89
N LEU B 76 -30.50 3.32 11.98
CA LEU B 76 -30.86 2.09 12.70
C LEU B 76 -31.71 2.36 13.96
N GLU B 77 -31.75 3.62 14.39
CA GLU B 77 -32.56 4.05 15.53
C GLU B 77 -32.61 3.19 16.81
N ASN B 78 -31.46 2.68 17.24
CA ASN B 78 -31.39 1.87 18.46
C ASN B 78 -32.26 0.60 18.38
N LYS B 79 -32.70 0.23 17.19
CA LYS B 79 -33.55 -0.94 17.03
C LYS B 79 -32.83 -2.29 16.93
N ALA B 80 -31.60 -2.35 17.44
CA ALA B 80 -30.80 -3.59 17.44
C ALA B 80 -29.54 -3.34 18.27
N SER B 81 -28.92 -4.41 18.75
CA SER B 81 -27.72 -4.27 19.57
C SER B 81 -26.79 -5.48 19.53
N ILE B 82 -25.59 -5.31 20.07
CA ILE B 82 -24.60 -6.37 20.09
C ILE B 82 -23.93 -6.47 21.45
N SER B 83 -23.29 -7.62 21.68
CA SER B 83 -22.56 -7.90 22.91
C SER B 83 -21.53 -8.99 22.62
N GLY B 84 -20.66 -9.26 23.59
CA GLY B 84 -19.65 -10.27 23.38
C GLY B 84 -18.51 -9.67 22.59
N GLY B 85 -17.81 -10.50 21.82
CA GLY B 85 -16.70 -10.03 21.03
C GLY B 85 -15.72 -9.20 21.84
N GLY B 86 -15.56 -9.52 23.11
CA GLY B 86 -14.63 -8.79 23.96
C GLY B 86 -15.13 -7.43 24.43
N LEU B 87 -16.31 -7.04 23.96
CA LEU B 87 -16.89 -5.76 24.35
C LEU B 87 -17.26 -5.74 25.83
N PRO B 88 -16.83 -4.71 26.55
CA PRO B 88 -17.12 -4.57 27.98
C PRO B 88 -18.58 -4.38 28.34
N ALA B 89 -19.43 -4.11 27.34
CA ALA B 89 -20.86 -3.89 27.60
C ALA B 89 -21.63 -3.85 26.29
N PRO B 90 -22.96 -3.91 26.36
CA PRO B 90 -23.80 -3.88 25.15
C PRO B 90 -23.70 -2.54 24.44
N TYR B 91 -23.88 -2.55 23.13
CA TYR B 91 -23.85 -1.33 22.34
C TYR B 91 -25.06 -1.37 21.41
N GLN B 92 -25.78 -0.28 21.31
CA GLN B 92 -26.95 -0.23 20.44
C GLN B 92 -26.68 0.46 19.08
N ALA B 93 -27.19 -0.16 18.02
CA ALA B 93 -26.99 0.32 16.66
C ALA B 93 -27.60 1.67 16.39
N LYS B 94 -26.78 2.60 15.88
CA LYS B 94 -27.26 3.94 15.57
C LYS B 94 -27.46 4.08 14.06
N GLN B 95 -26.41 3.83 13.29
CA GLN B 95 -26.48 3.94 11.82
C GLN B 95 -25.52 3.02 11.10
N LEU B 96 -25.68 3.00 9.79
CA LEU B 96 -24.86 2.17 8.92
C LEU B 96 -24.63 2.95 7.63
N HIS B 97 -23.48 2.75 7.01
CA HIS B 97 -23.15 3.43 5.76
C HIS B 97 -21.97 2.76 5.10
N LEU B 98 -21.68 3.14 3.86
CA LEU B 98 -20.58 2.50 3.15
C LEU B 98 -19.60 3.46 2.52
N HIS B 99 -18.47 2.89 2.12
CA HIS B 99 -17.39 3.62 1.45
C HIS B 99 -17.08 2.71 0.27
N TRP B 100 -16.91 3.31 -0.91
CA TRP B 100 -16.65 2.51 -2.11
C TRP B 100 -15.92 3.29 -3.20
N SER B 101 -15.75 2.61 -4.34
CA SER B 101 -15.10 3.17 -5.52
C SER B 101 -15.48 2.26 -6.69
N ASP B 102 -15.16 2.67 -7.91
CA ASP B 102 -15.46 1.88 -9.09
C ASP B 102 -14.35 0.89 -9.46
N LEU B 103 -13.20 1.03 -8.82
CA LEU B 103 -12.08 0.14 -9.08
C LEU B 103 -11.99 -0.84 -7.91
N PRO B 104 -11.98 -2.15 -8.21
CA PRO B 104 -11.92 -3.26 -7.25
C PRO B 104 -10.79 -3.24 -6.22
N TYR B 105 -9.71 -2.54 -6.51
CA TYR B 105 -8.58 -2.49 -5.60
C TYR B 105 -8.45 -1.20 -4.78
N LYS B 106 -9.45 -0.33 -4.76
CA LYS B 106 -9.33 0.89 -3.99
C LYS B 106 -10.60 1.46 -3.35
N GLY B 107 -11.48 0.56 -2.90
CA GLY B 107 -12.72 1.01 -2.30
C GLY B 107 -12.86 0.96 -0.78
N SER B 108 -11.94 0.29 -0.10
CA SER B 108 -12.02 0.19 1.36
C SER B 108 -11.08 1.13 2.08
N GLU B 109 -11.44 1.52 3.30
CA GLU B 109 -10.57 2.38 4.07
C GLU B 109 -9.41 1.59 4.70
N HIS B 110 -9.74 0.50 5.38
CA HIS B 110 -8.70 -0.33 6.00
C HIS B 110 -8.18 -1.26 4.91
N SER B 111 -7.02 -1.85 5.16
CA SER B 111 -6.41 -2.78 4.23
C SER B 111 -5.81 -3.91 5.04
N LEU B 112 -5.70 -5.09 4.42
CA LEU B 112 -5.12 -6.25 5.09
C LEU B 112 -3.89 -6.64 4.33
N ASP B 113 -2.73 -6.48 4.97
CA ASP B 113 -1.46 -6.77 4.32
C ASP B 113 -1.33 -6.00 3.01
N GLY B 114 -1.76 -4.74 3.07
CA GLY B 114 -1.68 -3.89 1.91
C GLY B 114 -2.77 -4.03 0.87
N GLU B 115 -3.62 -5.04 0.98
CA GLU B 115 -4.69 -5.20 0.00
C GLU B 115 -5.91 -4.39 0.41
N HIS B 116 -6.52 -3.72 -0.56
CA HIS B 116 -7.73 -2.93 -0.36
C HIS B 116 -8.81 -3.67 -1.12
N PHE B 117 -10.07 -3.52 -0.71
CA PHE B 117 -11.18 -4.22 -1.38
C PHE B 117 -12.16 -3.26 -2.09
N ALA B 118 -13.20 -3.84 -2.69
CA ALA B 118 -14.21 -3.08 -3.43
C ALA B 118 -14.98 -2.03 -2.66
N MET B 119 -15.39 -2.35 -1.43
CA MET B 119 -16.14 -1.43 -0.57
C MET B 119 -15.88 -1.79 0.89
N GLU B 120 -16.34 -0.93 1.79
CA GLU B 120 -16.24 -1.20 3.22
C GLU B 120 -17.52 -0.72 3.88
N MET B 121 -18.04 -1.51 4.81
CA MET B 121 -19.28 -1.17 5.50
C MET B 121 -19.07 -0.92 6.98
N HIS B 122 -19.64 0.18 7.46
CA HIS B 122 -19.50 0.55 8.86
C HIS B 122 -20.84 0.58 9.59
N ILE B 123 -20.95 -0.24 10.63
CA ILE B 123 -22.17 -0.28 11.44
C ILE B 123 -21.83 0.34 12.79
N VAL B 124 -22.26 1.58 12.99
CA VAL B 124 -21.95 2.29 14.23
C VAL B 124 -22.86 2.01 15.43
N HIS B 125 -22.27 1.73 16.57
CA HIS B 125 -23.02 1.48 17.82
C HIS B 125 -22.39 2.30 18.93
N GLU B 126 -23.11 2.48 20.02
CA GLU B 126 -22.56 3.24 21.14
C GLU B 126 -23.19 2.83 22.47
N GLU B 142 -12.97 6.57 25.17
CA GLU B 142 -11.99 5.67 24.57
C GLU B 142 -12.69 4.63 23.69
N ASP B 143 -13.50 3.79 24.32
CA ASP B 143 -14.29 2.75 23.65
C ASP B 143 -15.77 3.15 23.65
N GLU B 144 -16.01 4.45 23.56
CA GLU B 144 -17.36 5.00 23.57
C GLU B 144 -18.22 4.46 22.41
N ILE B 145 -17.71 4.50 21.20
CA ILE B 145 -18.43 4.04 20.01
C ILE B 145 -17.80 2.74 19.53
N ALA B 146 -18.63 1.81 19.08
CA ALA B 146 -18.14 0.53 18.58
C ALA B 146 -18.65 0.31 17.17
N VAL B 147 -17.73 0.23 16.21
CA VAL B 147 -18.13 0.02 14.83
C VAL B 147 -17.65 -1.32 14.31
N LEU B 148 -18.49 -1.93 13.49
CA LEU B 148 -18.19 -3.20 12.87
C LEU B 148 -17.92 -2.91 11.40
N ALA B 149 -16.78 -3.37 10.92
CA ALA B 149 -16.39 -3.13 9.54
C ALA B 149 -16.36 -4.41 8.75
N PHE B 150 -16.91 -4.35 7.55
CA PHE B 150 -16.94 -5.49 6.64
C PHE B 150 -16.32 -5.09 5.32
N LEU B 151 -15.51 -5.96 4.76
CA LEU B 151 -14.86 -5.68 3.51
C LEU B 151 -15.72 -6.30 2.43
N VAL B 152 -15.81 -5.65 1.28
CA VAL B 152 -16.64 -6.16 0.20
C VAL B 152 -15.83 -6.41 -1.05
N GLU B 153 -16.15 -7.50 -1.74
CA GLU B 153 -15.46 -7.83 -2.96
C GLU B 153 -16.45 -8.43 -3.95
N ALA B 154 -16.11 -8.37 -5.24
CA ALA B 154 -16.99 -8.88 -6.29
C ALA B 154 -17.09 -10.39 -6.31
N GLY B 155 -18.28 -10.87 -6.66
CA GLY B 155 -18.54 -12.30 -6.73
C GLY B 155 -19.37 -12.59 -7.97
N THR B 156 -19.64 -13.86 -8.20
CA THR B 156 -20.42 -14.28 -9.35
C THR B 156 -21.94 -14.16 -9.11
N GLN B 157 -22.38 -14.67 -7.97
CA GLN B 157 -23.78 -14.65 -7.58
C GLN B 157 -24.32 -13.26 -7.26
N VAL B 158 -25.60 -13.04 -7.56
CA VAL B 158 -26.21 -11.75 -7.23
C VAL B 158 -26.60 -11.89 -5.76
N ASN B 159 -26.16 -10.94 -4.95
CA ASN B 159 -26.48 -11.00 -3.53
C ASN B 159 -27.90 -10.47 -3.27
N GLU B 160 -28.82 -11.38 -3.00
CA GLU B 160 -30.21 -11.04 -2.72
C GLU B 160 -30.41 -10.19 -1.47
N GLY B 161 -29.56 -10.38 -0.47
CA GLY B 161 -29.69 -9.61 0.75
C GLY B 161 -29.47 -8.11 0.58
N PHE B 162 -28.65 -7.76 -0.41
CA PHE B 162 -28.35 -6.36 -0.66
C PHE B 162 -29.30 -5.69 -1.64
N GLN B 163 -30.03 -6.51 -2.40
CA GLN B 163 -30.99 -6.02 -3.39
C GLN B 163 -31.87 -4.84 -2.94
N PRO B 164 -32.54 -4.96 -1.78
CA PRO B 164 -33.41 -3.86 -1.33
C PRO B 164 -32.67 -2.53 -1.24
N LEU B 165 -31.45 -2.56 -0.70
CA LEU B 165 -30.63 -1.35 -0.54
C LEU B 165 -30.27 -0.78 -1.91
N VAL B 166 -29.83 -1.66 -2.80
CA VAL B 166 -29.43 -1.28 -4.15
C VAL B 166 -30.58 -0.59 -4.87
N GLU B 167 -31.80 -1.12 -4.70
CA GLU B 167 -32.98 -0.54 -5.32
C GLU B 167 -33.18 0.89 -4.82
N ALA B 168 -33.23 1.04 -3.51
CA ALA B 168 -33.42 2.32 -2.85
C ALA B 168 -32.57 3.47 -3.37
N LEU B 169 -31.39 3.14 -3.91
CA LEU B 169 -30.46 4.16 -4.41
C LEU B 169 -31.08 5.07 -5.48
N SER B 170 -31.90 4.47 -6.34
CA SER B 170 -32.58 5.20 -7.39
C SER B 170 -33.34 6.41 -6.88
N ASN B 171 -33.87 6.31 -5.67
CA ASN B 171 -34.67 7.39 -5.08
C ASN B 171 -33.90 8.48 -4.35
N ILE B 172 -32.57 8.39 -4.28
CA ILE B 172 -31.81 9.42 -3.57
C ILE B 172 -30.48 9.84 -4.23
N PRO B 173 -30.50 10.17 -5.54
CA PRO B 173 -29.29 10.57 -6.27
C PRO B 173 -28.57 11.78 -5.66
N LYS B 174 -29.33 12.84 -5.39
CA LYS B 174 -28.77 14.08 -4.84
C LYS B 174 -28.68 14.08 -3.32
N PRO B 175 -27.80 14.95 -2.77
CA PRO B 175 -27.59 15.09 -1.33
C PRO B 175 -28.89 15.53 -0.67
N GLU B 176 -29.03 15.21 0.62
CA GLU B 176 -30.20 15.58 1.41
C GLU B 176 -31.46 14.78 1.14
N MET B 177 -31.46 13.95 0.11
CA MET B 177 -32.64 13.15 -0.18
C MET B 177 -32.77 11.95 0.74
N SER B 178 -33.98 11.41 0.85
CA SER B 178 -34.27 10.25 1.71
C SER B 178 -35.34 9.35 1.11
N THR B 179 -35.51 8.17 1.69
CA THR B 179 -36.53 7.25 1.22
C THR B 179 -36.67 6.11 2.22
N THR B 180 -37.51 5.13 1.89
CA THR B 180 -37.74 3.99 2.74
C THR B 180 -37.47 2.77 1.90
N MET B 181 -36.46 1.98 2.30
CA MET B 181 -36.14 0.78 1.54
C MET B 181 -37.08 -0.34 1.94
N ALA B 182 -37.23 -1.32 1.06
CA ALA B 182 -38.11 -2.47 1.31
C ALA B 182 -37.71 -3.15 2.62
N GLU B 183 -38.67 -3.85 3.24
CA GLU B 183 -38.44 -4.55 4.50
C GLU B 183 -37.28 -5.55 4.36
N SER B 184 -36.33 -5.47 5.28
CA SER B 184 -35.16 -6.33 5.29
C SER B 184 -34.64 -6.34 6.71
N SER B 185 -33.80 -7.31 7.03
CA SER B 185 -33.21 -7.42 8.35
C SER B 185 -31.71 -7.20 8.19
N LEU B 186 -31.05 -6.63 9.21
CA LEU B 186 -29.62 -6.38 9.13
C LEU B 186 -28.84 -7.66 8.84
N LEU B 187 -29.35 -8.79 9.30
CA LEU B 187 -28.71 -10.08 9.10
C LEU B 187 -28.62 -10.43 7.61
N ASP B 188 -29.50 -9.83 6.81
CA ASP B 188 -29.49 -10.06 5.36
C ASP B 188 -28.24 -9.52 4.69
N LEU B 189 -27.59 -8.56 5.34
CA LEU B 189 -26.40 -7.93 4.79
C LEU B 189 -25.09 -8.68 5.10
N LEU B 190 -24.93 -9.06 6.36
CA LEU B 190 -23.71 -9.73 6.82
C LEU B 190 -23.61 -11.17 6.35
N PRO B 191 -22.39 -11.74 6.40
CA PRO B 191 -22.17 -13.14 5.98
C PRO B 191 -22.67 -14.07 7.10
N LYS B 192 -22.78 -15.36 6.81
CA LYS B 192 -23.26 -16.34 7.80
C LYS B 192 -22.46 -16.29 9.12
N GLU B 193 -23.19 -16.26 10.24
CA GLU B 193 -22.57 -16.17 11.56
C GLU B 193 -21.33 -17.02 11.81
N GLU B 194 -21.21 -18.16 11.14
CA GLU B 194 -20.03 -19.01 11.34
C GLU B 194 -18.74 -18.40 10.78
N LYS B 195 -18.86 -17.55 9.76
CA LYS B 195 -17.70 -16.90 9.15
C LYS B 195 -17.26 -15.68 9.94
N LEU B 196 -18.13 -15.20 10.83
CA LEU B 196 -17.85 -14.02 11.65
C LEU B 196 -17.07 -14.34 12.93
N ARG B 197 -16.38 -15.48 12.94
CA ARG B 197 -15.62 -15.89 14.11
C ARG B 197 -14.26 -15.22 14.24
N HIS B 198 -13.59 -14.97 13.12
CA HIS B 198 -12.27 -14.33 13.15
C HIS B 198 -12.32 -12.86 12.82
N TYR B 199 -11.66 -12.05 13.63
CA TYR B 199 -11.64 -10.61 13.40
C TYR B 199 -10.47 -9.91 14.12
N PHE B 200 -10.20 -8.67 13.70
CA PHE B 200 -9.13 -7.88 14.27
C PHE B 200 -9.74 -6.78 15.13
N ARG B 201 -9.01 -6.37 16.15
CA ARG B 201 -9.49 -5.38 17.09
C ARG B 201 -8.41 -4.36 17.41
N TYR B 202 -8.80 -3.10 17.59
CA TYR B 202 -7.88 -2.03 17.93
C TYR B 202 -8.65 -0.75 18.21
N LEU B 203 -8.09 0.13 19.03
CA LEU B 203 -8.74 1.39 19.36
C LEU B 203 -8.35 2.46 18.35
N GLY B 204 -9.29 3.33 17.99
CA GLY B 204 -9.01 4.35 17.01
C GLY B 204 -10.01 5.49 17.01
N SER B 205 -10.19 6.11 15.84
CA SER B 205 -11.10 7.23 15.69
C SER B 205 -12.11 7.00 14.60
N LEU B 206 -12.92 8.03 14.36
CA LEU B 206 -13.94 8.01 13.31
C LEU B 206 -13.16 8.38 12.05
N THR B 207 -13.65 7.99 10.88
CA THR B 207 -12.93 8.30 9.65
C THR B 207 -13.49 9.52 8.90
N THR B 208 -14.04 10.47 9.66
CA THR B 208 -14.61 11.71 9.14
C THR B 208 -14.51 12.72 10.28
N PRO B 209 -14.55 14.03 9.97
CA PRO B 209 -14.47 15.03 11.05
C PRO B 209 -15.66 14.81 11.99
N THR B 210 -15.46 15.10 13.28
CA THR B 210 -14.19 15.61 13.78
C THR B 210 -13.15 14.55 14.17
N CYS B 211 -13.32 13.34 13.61
CA CYS B 211 -12.38 12.23 13.84
C CYS B 211 -12.10 11.94 15.31
N ASP B 212 -13.16 11.95 16.12
CA ASP B 212 -13.02 11.70 17.55
C ASP B 212 -12.42 10.34 17.84
N GLU B 213 -11.42 10.30 18.72
CA GLU B 213 -10.74 9.06 19.10
C GLU B 213 -11.43 8.39 20.27
N LYS B 214 -12.60 7.83 20.01
CA LYS B 214 -13.35 7.14 21.04
C LYS B 214 -14.03 5.94 20.42
N VAL B 215 -13.32 5.27 19.53
CA VAL B 215 -13.90 4.14 18.85
C VAL B 215 -13.13 2.85 19.04
N VAL B 216 -13.84 1.76 19.24
CA VAL B 216 -13.23 0.44 19.38
C VAL B 216 -13.61 -0.25 18.06
N TRP B 217 -12.62 -0.43 17.19
CA TRP B 217 -12.85 -1.02 15.87
C TRP B 217 -12.83 -2.53 15.84
N THR B 218 -13.54 -3.08 14.87
CA THR B 218 -13.61 -4.52 14.68
C THR B 218 -13.73 -4.78 13.19
N VAL B 219 -12.71 -5.43 12.64
CA VAL B 219 -12.69 -5.72 11.23
C VAL B 219 -12.71 -7.24 11.05
N PHE B 220 -13.77 -7.76 10.47
CA PHE B 220 -13.88 -9.20 10.25
C PHE B 220 -13.01 -9.57 9.06
N ARG B 221 -12.42 -10.75 9.10
CA ARG B 221 -11.56 -11.18 8.01
C ARG B 221 -12.34 -11.68 6.79
N GLU B 222 -13.55 -12.19 7.02
CA GLU B 222 -14.36 -12.71 5.92
C GLU B 222 -15.06 -11.60 5.16
N PRO B 223 -14.71 -11.43 3.88
CA PRO B 223 -15.33 -10.38 3.07
C PRO B 223 -16.74 -10.73 2.63
N ILE B 224 -17.60 -9.73 2.52
CA ILE B 224 -18.95 -9.93 2.07
C ILE B 224 -18.81 -9.94 0.55
N GLN B 225 -19.64 -10.73 -0.14
CA GLN B 225 -19.57 -10.78 -1.59
C GLN B 225 -20.80 -10.16 -2.26
N LEU B 226 -20.56 -9.38 -3.31
CA LEU B 226 -21.63 -8.73 -4.06
C LEU B 226 -21.28 -8.89 -5.52
N HIS B 227 -22.30 -8.87 -6.37
CA HIS B 227 -22.08 -8.99 -7.79
C HIS B 227 -21.46 -7.67 -8.22
N ARG B 228 -20.57 -7.71 -9.22
CA ARG B 228 -19.90 -6.50 -9.68
C ARG B 228 -20.90 -5.37 -9.95
N GLU B 229 -21.96 -5.71 -10.67
CA GLU B 229 -23.00 -4.74 -11.01
C GLU B 229 -23.60 -4.08 -9.77
N GLN B 230 -23.76 -4.85 -8.70
CA GLN B 230 -24.32 -4.32 -7.45
C GLN B 230 -23.38 -3.25 -6.89
N ILE B 231 -22.08 -3.52 -6.95
CA ILE B 231 -21.09 -2.57 -6.47
C ILE B 231 -21.13 -1.30 -7.31
N LEU B 232 -21.12 -1.47 -8.64
CA LEU B 232 -21.16 -0.32 -9.55
C LEU B 232 -22.41 0.53 -9.40
N ALA B 233 -23.50 -0.09 -8.92
CA ALA B 233 -24.76 0.63 -8.72
C ALA B 233 -24.55 1.88 -7.91
N PHE B 234 -23.71 1.79 -6.88
CA PHE B 234 -23.44 2.92 -6.00
C PHE B 234 -22.79 4.10 -6.68
N SER B 235 -21.81 3.80 -7.53
CA SER B 235 -21.08 4.83 -8.27
C SER B 235 -21.97 5.37 -9.39
N GLN B 236 -22.83 4.53 -9.93
CA GLN B 236 -23.70 4.92 -11.02
C GLN B 236 -24.99 5.67 -10.69
N LYS B 237 -25.50 5.52 -9.48
CA LYS B 237 -26.73 6.21 -9.13
C LYS B 237 -26.60 7.33 -8.12
N LEU B 238 -25.45 7.43 -7.45
CA LEU B 238 -25.25 8.47 -6.46
C LEU B 238 -24.33 9.59 -6.96
N TYR B 239 -24.60 10.80 -6.49
CA TYR B 239 -23.80 11.97 -6.89
C TYR B 239 -23.45 12.79 -5.66
N TYR B 240 -22.34 13.51 -5.73
CA TYR B 240 -21.88 14.36 -4.63
C TYR B 240 -22.58 15.71 -4.66
N ASP B 241 -22.86 16.19 -5.88
CA ASP B 241 -23.47 17.49 -6.08
C ASP B 241 -24.95 17.42 -6.47
N LYS B 242 -25.66 18.53 -6.26
CA LYS B 242 -27.07 18.59 -6.61
C LYS B 242 -27.25 18.64 -8.12
N GLU B 243 -26.28 19.25 -8.81
CA GLU B 243 -26.31 19.36 -10.27
C GLU B 243 -26.19 18.02 -10.98
N GLN B 244 -25.95 16.96 -10.20
CA GLN B 244 -25.81 15.60 -10.72
C GLN B 244 -24.71 15.48 -11.77
N THR B 245 -23.55 16.07 -11.49
CA THR B 245 -22.44 16.02 -12.42
C THR B 245 -21.25 15.19 -11.93
N VAL B 246 -21.14 15.04 -10.61
CA VAL B 246 -20.02 14.28 -10.01
C VAL B 246 -20.49 13.01 -9.27
N SER B 247 -20.11 11.85 -9.79
CA SER B 247 -20.49 10.59 -9.17
C SER B 247 -19.89 10.42 -7.79
N MET B 248 -20.60 9.74 -6.91
CA MET B 248 -20.11 9.53 -5.56
C MET B 248 -19.30 8.27 -5.52
N LYS B 249 -18.00 8.43 -5.35
CA LYS B 249 -17.09 7.30 -5.27
C LYS B 249 -15.80 7.77 -4.66
N ASP B 250 -14.96 6.82 -4.26
CA ASP B 250 -13.69 7.14 -3.63
C ASP B 250 -13.90 8.01 -2.40
N ASN B 251 -14.95 7.72 -1.66
CA ASN B 251 -15.22 8.46 -0.45
C ASN B 251 -14.51 7.70 0.67
N VAL B 252 -13.17 7.62 0.58
CA VAL B 252 -12.35 6.92 1.57
C VAL B 252 -11.27 7.82 2.15
N ARG B 253 -10.95 7.63 3.43
CA ARG B 253 -9.92 8.43 4.10
C ARG B 253 -8.57 7.75 3.94
N PRO B 254 -7.53 8.50 3.53
CA PRO B 254 -6.21 7.89 3.37
C PRO B 254 -5.73 7.28 4.69
N LEU B 255 -5.01 6.16 4.58
CA LEU B 255 -4.49 5.47 5.74
C LEU B 255 -3.79 6.38 6.74
N GLN B 256 -3.77 5.94 8.00
CA GLN B 256 -3.14 6.68 9.07
C GLN B 256 -2.09 5.75 9.68
N GLN B 257 -1.18 6.31 10.46
CA GLN B 257 -0.12 5.51 11.08
C GLN B 257 -0.59 4.80 12.35
N LEU B 258 -0.15 3.56 12.53
CA LEU B 258 -0.52 2.78 13.72
C LEU B 258 0.08 3.43 14.97
N GLY B 259 1.37 3.76 14.91
CA GLY B 259 2.03 4.38 16.04
C GLY B 259 2.34 3.42 17.17
N GLN B 260 2.11 3.87 18.39
CA GLN B 260 2.37 3.07 19.58
C GLN B 260 1.40 1.90 19.75
N ARG B 261 0.28 1.95 19.03
CA ARG B 261 -0.76 0.93 19.12
C ARG B 261 -0.40 -0.44 18.58
N THR B 262 -1.08 -1.46 19.09
CA THR B 262 -0.90 -2.84 18.64
C THR B 262 -2.29 -3.38 18.32
N VAL B 263 -2.35 -4.35 17.43
CA VAL B 263 -3.61 -4.94 17.03
C VAL B 263 -3.68 -6.39 17.52
N ILE B 264 -4.87 -6.83 17.92
CA ILE B 264 -5.05 -8.20 18.38
C ILE B 264 -6.17 -8.84 17.55
N LYS B 265 -6.25 -10.16 17.59
CA LYS B 265 -7.26 -10.87 16.79
C LYS B 265 -7.84 -12.07 17.52
N SER B 266 -8.83 -12.72 16.89
CA SER B 266 -9.46 -13.92 17.45
C SER B 266 -9.14 -15.16 16.62
S SO4 C . 15.00 -0.58 -11.87
O1 SO4 C . 14.99 -0.07 -13.19
O2 SO4 C . 16.11 -1.40 -11.64
O3 SO4 C . 14.97 0.51 -10.98
O4 SO4 C . 13.85 -1.34 -11.65
ZN ZN D . 15.78 1.29 -8.84
ZN ZN E . -17.33 5.29 7.94
S SO4 F . -16.54 6.18 11.31
O1 SO4 F . -16.74 7.49 11.83
O2 SO4 F . -17.46 5.28 11.87
O3 SO4 F . -16.63 6.24 9.92
O4 SO4 F . -15.26 5.73 11.64
#